data_3IHJ
#
_entry.id   3IHJ
#
_cell.length_a   92.730
_cell.length_b   92.730
_cell.length_c   262.870
_cell.angle_alpha   90.00
_cell.angle_beta   90.00
_cell.angle_gamma   120.00
#
_symmetry.space_group_name_H-M   'P 61 2 2'
#
loop_
_entity.id
_entity.type
_entity.pdbx_description
1 polymer 'Alanine aminotransferase 2'
2 non-polymer "PYRIDOXAL-5'-PHOSPHATE"
3 non-polymer 'PHOSPHATE ION'
4 water water
#
_entity_poly.entity_id   1
_entity_poly.type   'polypeptide(L)'
_entity_poly.pdbx_seq_one_letter_code
;MHHHHHHSSGVDLGTENLYFQSMTLESMNPQVKAVEYAVRGPIVLKAGEIELELQRGIKKPFTEVIRANIGDAQAMGQQP
ITFLRQVMALCTYPNLLDSPSFPEDAKKRARRILQACGGNSLGSYSASQGVNCIREDVAAYITRRDGGVPADPDNIYLTT
GASDGISTILKILVSGGGKSRTGVMIPIPQYPLYSAVISELDAIQVNYYLDEENCWALNVNELRRAVQEAKDHCDPKVLC
IINPGNPTGQVQSRKCIEDVIHFAWEEKLFLLADEVYQDNVYSPDCRFHSFKKVLYEMGPEYSSNVELASFHSTSKGYMG
ECGYRGGYMEVINLHPEIKGQLVKLLSVRLCPPVSGQAAMDIVVNPPVAGEESFEQFSREKESVLGNLAKKAKLTEDLFN
QVPGIHCNPLQGAMYAFPRIFIPAKAVEAAQAHQMAPDMFYCMKLLEETGICVVPGSGFGQREGTYHFRMTILPPVEKLK
TVLQKVKDFHINFLEKYA
;
_entity_poly.pdbx_strand_id   A
#
loop_
_chem_comp.id
_chem_comp.type
_chem_comp.name
_chem_comp.formula
PLP non-polymer PYRIDOXAL-5'-PHOSPHATE 'C8 H10 N O6 P'
PO4 non-polymer 'PHOSPHATE ION' 'O4 P -3'
#
# COMPACT_ATOMS: atom_id res chain seq x y z
N ASN A 17 4.04 19.05 -15.68
CA ASN A 17 4.24 17.57 -15.46
C ASN A 17 2.90 16.83 -15.26
N LEU A 18 2.07 17.36 -14.37
CA LEU A 18 0.74 16.82 -14.08
C LEU A 18 -0.22 17.56 -14.96
N TYR A 19 -1.11 16.80 -15.59
CA TYR A 19 -2.12 17.30 -16.51
C TYR A 19 -3.57 16.85 -16.14
N PHE A 20 -4.50 17.77 -16.31
CA PHE A 20 -5.91 17.54 -16.04
C PHE A 20 -6.40 16.43 -16.91
N GLN A 21 -7.03 15.45 -16.30
CA GLN A 21 -7.60 14.31 -17.07
C GLN A 21 -9.13 14.30 -16.93
N SER A 22 -9.64 14.52 -15.72
CA SER A 22 -11.06 14.44 -15.52
C SER A 22 -11.50 15.13 -14.25
N MET A 23 -12.76 15.55 -14.22
CA MET A 23 -13.40 16.03 -13.02
C MET A 23 -14.74 15.33 -12.71
N THR A 24 -15.07 15.20 -11.43
CA THR A 24 -16.34 14.66 -10.98
C THR A 24 -16.84 15.56 -9.86
N LEU A 25 -18.10 15.95 -9.95
CA LEU A 25 -18.76 16.67 -8.86
C LEU A 25 -19.40 15.59 -7.99
N GLU A 26 -18.77 15.32 -6.87
CA GLU A 26 -19.23 14.28 -6.02
C GLU A 26 -20.53 14.63 -5.33
N SER A 27 -20.74 15.91 -5.03
CA SER A 27 -21.94 16.31 -4.34
C SER A 27 -21.99 17.84 -4.34
N MET A 28 -23.19 18.36 -4.11
CA MET A 28 -23.39 19.79 -3.84
C MET A 28 -23.71 20.08 -2.40
N ASN A 29 -23.99 19.08 -1.59
CA ASN A 29 -24.50 19.31 -0.26
C ASN A 29 -23.88 18.31 0.72
N PRO A 30 -22.61 18.57 1.15
CA PRO A 30 -21.72 19.70 0.81
C PRO A 30 -20.99 19.51 -0.52
N GLN A 31 -20.59 20.60 -1.13
CA GLN A 31 -20.00 20.55 -2.41
C GLN A 31 -18.54 20.01 -2.38
N VAL A 32 -18.29 18.96 -3.16
CA VAL A 32 -16.99 18.29 -3.26
C VAL A 32 -16.72 17.97 -4.72
N LYS A 33 -15.56 18.39 -5.24
CA LYS A 33 -15.09 18.08 -6.56
C LYS A 33 -13.83 17.22 -6.50
N ALA A 34 -13.77 16.23 -7.37
CA ALA A 34 -12.67 15.33 -7.46
C ALA A 34 -12.03 15.54 -8.82
N VAL A 35 -10.75 15.90 -8.85
CA VAL A 35 -9.99 16.08 -10.09
C VAL A 35 -8.90 15.00 -10.19
N GLU A 36 -8.87 14.32 -11.34
CA GLU A 36 -7.80 13.42 -11.71
C GLU A 36 -6.81 14.14 -12.60
N TYR A 37 -5.55 13.92 -12.25
CA TYR A 37 -4.37 14.43 -12.95
C TYR A 37 -3.55 13.21 -13.35
N ALA A 38 -3.12 13.19 -14.60
CA ALA A 38 -2.28 12.15 -15.12
C ALA A 38 -0.84 12.71 -15.36
N VAL A 39 0.19 11.96 -15.00
CA VAL A 39 1.60 12.28 -15.34
C VAL A 39 1.79 11.58 -16.67
N ARG A 40 2.10 12.26 -17.74
CA ARG A 40 2.23 11.51 -19.01
C ARG A 40 3.71 11.52 -19.45
N GLY A 41 4.50 10.64 -18.82
CA GLY A 41 5.93 10.62 -19.10
C GLY A 41 6.19 9.76 -20.31
N PRO A 42 7.48 9.55 -20.63
CA PRO A 42 7.94 8.87 -21.82
C PRO A 42 7.43 7.47 -22.02
N ILE A 43 7.32 6.71 -20.94
CA ILE A 43 6.88 5.32 -21.01
C ILE A 43 5.38 5.20 -21.34
N VAL A 44 4.58 6.07 -20.68
CA VAL A 44 3.15 6.20 -20.91
C VAL A 44 2.94 6.53 -22.39
N LEU A 45 3.61 7.58 -22.88
CA LEU A 45 3.49 7.93 -24.30
C LEU A 45 3.94 6.83 -25.24
N LYS A 46 5.11 6.23 -24.99
CA LYS A 46 5.52 5.08 -25.83
C LYS A 46 4.58 3.87 -25.79
N ALA A 47 4.08 3.52 -24.61
CA ALA A 47 3.10 2.41 -24.51
C ALA A 47 1.86 2.69 -25.38
N GLY A 48 1.39 3.94 -25.40
CA GLY A 48 0.29 4.34 -26.26
C GLY A 48 0.63 4.25 -27.73
N GLU A 49 1.78 4.82 -28.10
CA GLU A 49 2.30 4.73 -29.46
C GLU A 49 2.40 3.26 -29.92
N ILE A 50 2.94 2.37 -29.10
CA ILE A 50 3.02 0.95 -29.45
C ILE A 50 1.67 0.25 -29.62
N GLU A 51 0.72 0.57 -28.74
CA GLU A 51 -0.62 0.01 -28.79
C GLU A 51 -1.34 0.35 -30.12
N LEU A 52 -1.23 1.60 -30.54
CA LEU A 52 -1.71 2.00 -31.87
C LEU A 52 -0.95 1.31 -33.01
N GLU A 53 0.37 1.15 -32.91
CA GLU A 53 1.11 0.42 -33.95
C GLU A 53 0.56 -1.01 -34.15
N LEU A 54 0.43 -1.73 -33.03
CA LEU A 54 -0.17 -3.03 -33.05
C LEU A 54 -1.59 -3.00 -33.64
N GLN A 55 -2.37 -1.93 -33.40
CA GLN A 55 -3.77 -1.87 -33.87
C GLN A 55 -3.87 -1.70 -35.40
N ARG A 56 -2.91 -1.01 -36.00
CA ARG A 56 -2.91 -0.85 -37.44
C ARG A 56 -1.97 -1.83 -38.13
N GLY A 57 -1.62 -2.89 -37.41
CA GLY A 57 -1.11 -4.12 -38.01
C GLY A 57 0.39 -4.21 -38.12
N ILE A 58 1.10 -3.34 -37.41
CA ILE A 58 2.56 -3.41 -37.40
C ILE A 58 2.95 -4.75 -36.72
N LYS A 59 3.81 -5.52 -37.38
CA LYS A 59 4.27 -6.79 -36.83
C LYS A 59 5.30 -6.39 -35.78
N LYS A 60 5.19 -6.97 -34.58
CA LYS A 60 6.13 -6.66 -33.50
C LYS A 60 6.64 -7.99 -32.96
N PRO A 61 7.77 -7.96 -32.22
CA PRO A 61 8.25 -9.14 -31.46
C PRO A 61 7.31 -9.63 -30.32
N PHE A 62 6.24 -8.89 -30.07
CA PHE A 62 5.24 -9.25 -29.07
C PHE A 62 3.90 -8.90 -29.69
N THR A 63 2.82 -9.43 -29.14
CA THR A 63 1.51 -9.15 -29.70
C THR A 63 0.67 -8.22 -28.82
N GLU A 64 1.22 -7.85 -27.65
CA GLU A 64 0.55 -6.95 -26.73
C GLU A 64 1.48 -6.26 -25.75
N VAL A 65 1.01 -5.13 -25.25
CA VAL A 65 1.67 -4.41 -24.18
C VAL A 65 1.13 -5.01 -22.88
N ILE A 66 2.03 -5.39 -21.96
CA ILE A 66 1.64 -6.00 -20.69
C ILE A 66 2.07 -5.10 -19.54
N ARG A 67 1.11 -4.74 -18.72
CA ARG A 67 1.35 -3.97 -17.51
C ARG A 67 1.43 -4.81 -16.22
N ALA A 68 0.29 -5.45 -15.89
CA ALA A 68 0.07 -6.31 -14.68
C ALA A 68 -0.16 -5.48 -13.42
N ASN A 69 -1.38 -5.05 -13.18
CA ASN A 69 -1.64 -4.26 -11.97
C ASN A 69 -3.10 -3.88 -11.70
N PRO A 80 -12.42 -15.06 -5.53
CA PRO A 80 -11.41 -16.08 -5.12
C PRO A 80 -11.66 -16.65 -3.71
N ILE A 81 -12.23 -15.81 -2.83
CA ILE A 81 -12.67 -16.26 -1.52
C ILE A 81 -14.17 -16.27 -1.58
N THR A 82 -14.70 -17.50 -1.48
CA THR A 82 -16.08 -17.81 -1.67
C THR A 82 -16.92 -17.06 -0.67
N PHE A 83 -16.50 -17.03 0.59
CA PHE A 83 -17.32 -16.47 1.64
C PHE A 83 -17.68 -15.01 1.38
N LEU A 84 -16.71 -14.27 0.85
CA LEU A 84 -16.81 -12.84 0.65
C LEU A 84 -17.77 -12.52 -0.48
N ARG A 85 -17.61 -13.21 -1.60
CA ARG A 85 -18.59 -13.21 -2.69
C ARG A 85 -20.01 -13.53 -2.23
N GLN A 86 -20.14 -14.53 -1.37
CA GLN A 86 -21.44 -14.91 -0.83
C GLN A 86 -22.07 -13.83 -0.02
N VAL A 87 -21.32 -13.25 0.93
CA VAL A 87 -21.91 -12.18 1.75
C VAL A 87 -22.28 -10.99 0.84
N MET A 88 -21.41 -10.70 -0.13
CA MET A 88 -21.63 -9.59 -1.10
C MET A 88 -22.91 -9.83 -1.91
N ALA A 89 -23.07 -11.06 -2.42
CA ALA A 89 -24.25 -11.43 -3.21
C ALA A 89 -25.51 -11.30 -2.39
N LEU A 90 -25.46 -11.64 -1.09
CA LEU A 90 -26.61 -11.50 -0.21
C LEU A 90 -26.98 -10.08 0.05
N CYS A 91 -25.98 -9.21 0.14
CA CYS A 91 -26.25 -7.80 0.35
C CYS A 91 -26.76 -7.16 -0.94
N THR A 92 -26.30 -7.62 -2.10
CA THR A 92 -26.79 -7.07 -3.37
C THR A 92 -28.27 -7.42 -3.62
N TYR A 93 -28.67 -8.62 -3.20
CA TYR A 93 -29.99 -9.18 -3.49
C TYR A 93 -30.53 -9.90 -2.25
N PRO A 94 -30.99 -9.14 -1.24
CA PRO A 94 -31.44 -9.69 0.03
C PRO A 94 -32.44 -10.87 -0.01
N ASN A 95 -33.17 -11.04 -1.12
CA ASN A 95 -34.10 -12.18 -1.23
C ASN A 95 -33.38 -13.51 -1.08
N LEU A 96 -32.08 -13.52 -1.35
CA LEU A 96 -31.26 -14.70 -1.23
C LEU A 96 -31.01 -15.12 0.24
N LEU A 97 -31.42 -14.28 1.18
CA LEU A 97 -31.45 -14.65 2.61
C LEU A 97 -32.38 -15.83 2.90
N ASP A 98 -33.33 -16.08 2.01
CA ASP A 98 -34.19 -17.26 2.06
C ASP A 98 -33.70 -18.36 1.14
N SER A 99 -32.60 -18.15 0.41
CA SER A 99 -32.08 -19.15 -0.48
C SER A 99 -31.27 -20.20 0.28
N PRO A 100 -31.26 -21.45 -0.25
CA PRO A 100 -30.40 -22.50 0.31
C PRO A 100 -29.08 -22.60 -0.44
N SER A 101 -28.84 -21.71 -1.40
CA SER A 101 -27.55 -21.65 -2.08
C SER A 101 -26.44 -21.05 -1.14
N PHE A 102 -26.83 -20.70 0.10
CA PHE A 102 -26.01 -19.89 1.01
C PHE A 102 -25.90 -20.42 2.44
N PRO A 103 -24.66 -20.56 2.96
CA PRO A 103 -24.52 -20.86 4.40
C PRO A 103 -25.06 -19.80 5.33
N GLU A 104 -25.36 -20.21 6.54
CA GLU A 104 -26.06 -19.39 7.49
C GLU A 104 -25.11 -18.40 8.15
N ASP A 105 -23.82 -18.70 8.15
CA ASP A 105 -22.87 -17.75 8.74
C ASP A 105 -22.72 -16.53 7.79
N ALA A 106 -22.67 -16.76 6.48
CA ALA A 106 -22.82 -15.66 5.47
C ALA A 106 -24.06 -14.78 5.71
N LYS A 107 -25.21 -15.44 5.89
CA LYS A 107 -26.48 -14.74 6.02
C LYS A 107 -26.51 -13.93 7.25
N LYS A 108 -25.90 -14.47 8.29
CA LYS A 108 -25.81 -13.71 9.51
C LYS A 108 -25.06 -12.37 9.30
N ARG A 109 -23.97 -12.38 8.52
CA ARG A 109 -23.20 -11.15 8.18
C ARG A 109 -24.06 -10.19 7.39
N ALA A 110 -24.71 -10.70 6.32
CA ALA A 110 -25.57 -9.90 5.43
C ALA A 110 -26.65 -9.18 6.23
N ARG A 111 -27.28 -9.92 7.15
CA ARG A 111 -28.37 -9.37 7.94
C ARG A 111 -27.88 -8.25 8.83
N ARG A 112 -26.77 -8.47 9.52
CA ARG A 112 -26.21 -7.42 10.39
C ARG A 112 -25.88 -6.18 9.56
N ILE A 113 -25.28 -6.38 8.40
CA ILE A 113 -24.96 -5.26 7.48
C ILE A 113 -26.20 -4.56 6.92
N LEU A 114 -27.23 -5.33 6.57
CA LEU A 114 -28.48 -4.73 6.03
C LEU A 114 -29.20 -3.90 7.09
N GLN A 115 -29.21 -4.38 8.33
CA GLN A 115 -29.84 -3.64 9.43
C GLN A 115 -29.11 -2.38 9.78
N ALA A 116 -27.79 -2.44 9.80
CA ALA A 116 -26.99 -1.28 10.16
C ALA A 116 -26.78 -0.36 8.96
N CYS A 117 -26.68 -0.96 7.77
CA CYS A 117 -26.26 -0.31 6.52
C CYS A 117 -24.80 0.13 6.56
N SER A 128 -21.02 8.99 12.65
CA SER A 128 -20.13 10.12 12.34
C SER A 128 -18.65 9.67 12.07
N GLN A 129 -18.07 8.91 13.00
CA GLN A 129 -16.84 8.15 12.78
C GLN A 129 -17.12 6.94 11.90
N GLY A 130 -18.39 6.68 11.60
CA GLY A 130 -18.85 5.55 10.78
C GLY A 130 -19.90 4.75 11.52
N VAL A 131 -20.58 3.86 10.83
CA VAL A 131 -21.66 3.11 11.47
C VAL A 131 -21.15 2.33 12.69
N ASN A 132 -21.94 2.35 13.74
CA ASN A 132 -21.52 1.98 15.06
C ASN A 132 -21.10 0.56 15.19
N CYS A 133 -21.94 -0.29 14.65
CA CYS A 133 -21.69 -1.69 14.79
C CYS A 133 -20.57 -2.16 13.82
N ILE A 134 -20.29 -1.40 12.76
CA ILE A 134 -19.13 -1.69 11.91
C ILE A 134 -17.83 -1.35 12.65
N ARG A 135 -17.84 -0.24 13.38
CA ARG A 135 -16.69 0.15 14.15
C ARG A 135 -16.37 -0.86 15.27
N GLU A 136 -17.44 -1.41 15.90
CA GLU A 136 -17.35 -2.53 16.84
C GLU A 136 -16.79 -3.77 16.25
N ASP A 137 -17.22 -4.12 15.06
CA ASP A 137 -16.62 -5.23 14.33
C ASP A 137 -15.14 -5.04 14.03
N VAL A 138 -14.72 -3.81 13.72
CA VAL A 138 -13.31 -3.54 13.41
C VAL A 138 -12.50 -3.71 14.65
N ALA A 139 -12.93 -3.05 15.72
CA ALA A 139 -12.33 -3.21 17.06
C ALA A 139 -12.13 -4.64 17.47
N ALA A 140 -13.19 -5.43 17.31
CA ALA A 140 -13.14 -6.86 17.66
C ALA A 140 -12.21 -7.58 16.76
N TYR A 141 -12.22 -7.23 15.49
CA TYR A 141 -11.22 -7.80 14.57
C TYR A 141 -9.72 -7.47 14.92
N ILE A 142 -9.46 -6.24 15.29
CA ILE A 142 -8.14 -5.83 15.75
C ILE A 142 -7.72 -6.67 16.95
N THR A 143 -8.58 -6.78 17.94
CA THR A 143 -8.38 -7.58 19.14
C THR A 143 -8.04 -9.02 18.80
N ARG A 144 -8.83 -9.69 17.92
CA ARG A 144 -8.50 -11.06 17.52
C ARG A 144 -7.15 -11.13 16.82
N ARG A 145 -6.92 -10.24 15.86
CA ARG A 145 -5.66 -10.25 15.13
C ARG A 145 -4.47 -10.07 16.07
N ASP A 146 -4.65 -9.23 17.09
CA ASP A 146 -3.58 -8.93 18.04
C ASP A 146 -3.53 -9.82 19.27
N GLY A 147 -4.14 -11.00 19.20
CA GLY A 147 -4.04 -11.99 20.28
C GLY A 147 -4.62 -11.52 21.58
N GLY A 148 -5.63 -10.68 21.53
CA GLY A 148 -6.29 -10.24 22.75
C GLY A 148 -5.95 -8.83 23.17
N VAL A 149 -5.07 -8.11 22.45
CA VAL A 149 -4.78 -6.74 22.87
C VAL A 149 -6.07 -5.95 22.53
N PRO A 150 -6.73 -5.34 23.54
CA PRO A 150 -8.03 -4.67 23.26
C PRO A 150 -7.98 -3.45 22.35
N ALA A 151 -9.05 -3.28 21.60
CA ALA A 151 -9.28 -2.16 20.71
C ALA A 151 -10.63 -1.56 21.07
N ASP A 152 -10.69 -0.23 21.02
CA ASP A 152 -11.85 0.53 21.40
C ASP A 152 -12.52 1.09 20.13
N PRO A 153 -13.84 0.78 19.95
CA PRO A 153 -14.63 1.23 18.80
C PRO A 153 -14.61 2.72 18.61
N ASP A 154 -14.44 3.50 19.68
CA ASP A 154 -14.36 4.96 19.60
C ASP A 154 -13.07 5.53 19.03
N ASN A 155 -12.05 4.68 18.94
CA ASN A 155 -10.76 5.01 18.28
C ASN A 155 -10.77 4.62 16.81
N ILE A 156 -11.87 4.05 16.35
CA ILE A 156 -12.01 3.66 14.97
C ILE A 156 -12.77 4.73 14.19
N TYR A 157 -12.25 5.07 13.02
CA TYR A 157 -12.84 5.99 12.05
C TYR A 157 -12.86 5.31 10.71
N LEU A 158 -14.07 5.17 10.14
CA LEU A 158 -14.26 4.63 8.78
C LEU A 158 -13.94 5.72 7.76
N THR A 159 -13.33 5.35 6.65
CA THR A 159 -12.81 6.31 5.70
C THR A 159 -13.11 5.74 4.33
N THR A 160 -12.99 6.57 3.33
CA THR A 160 -13.14 6.12 1.94
C THR A 160 -11.77 5.72 1.39
N GLY A 161 -11.32 4.54 1.77
CA GLY A 161 -9.94 4.06 1.51
C GLY A 161 -8.98 4.52 2.58
N ALA A 162 -7.83 3.84 2.68
CA ALA A 162 -6.72 4.25 3.53
C ALA A 162 -6.16 5.61 3.09
N SER A 163 -6.24 5.88 1.80
CA SER A 163 -5.82 7.16 1.20
C SER A 163 -6.45 8.37 1.89
N ASP A 164 -7.76 8.29 2.09
CA ASP A 164 -8.60 9.27 2.80
C ASP A 164 -8.17 9.42 4.24
N GLY A 165 -7.91 8.31 4.92
CA GLY A 165 -7.40 8.39 6.28
C GLY A 165 -6.04 9.05 6.42
N ILE A 166 -5.11 8.64 5.56
CA ILE A 166 -3.78 9.16 5.55
C ILE A 166 -3.84 10.69 5.27
N SER A 167 -4.65 11.09 4.28
CA SER A 167 -4.83 12.50 3.94
C SER A 167 -5.33 13.30 5.11
N THR A 168 -6.29 12.74 5.83
CA THR A 168 -7.00 13.43 6.88
C THR A 168 -6.09 13.60 8.07
N ILE A 169 -5.41 12.52 8.47
CA ILE A 169 -4.42 12.58 9.53
C ILE A 169 -3.28 13.53 9.21
N LEU A 170 -2.71 13.46 8.02
CA LEU A 170 -1.63 14.40 7.70
C LEU A 170 -2.07 15.91 7.71
N LYS A 171 -3.26 16.16 7.18
CA LYS A 171 -3.86 17.48 7.19
C LYS A 171 -4.05 18.06 8.60
N ILE A 172 -4.59 17.30 9.53
CA ILE A 172 -4.71 17.82 10.90
C ILE A 172 -3.36 17.92 11.67
N LEU A 173 -2.28 17.38 11.17
CA LEU A 173 -1.00 17.41 11.88
C LEU A 173 -0.06 18.52 11.41
N VAL A 174 -0.21 18.97 10.18
CA VAL A 174 0.71 19.94 9.60
C VAL A 174 0.30 21.34 10.08
N SER A 175 1.31 22.09 10.55
CA SER A 175 1.15 23.49 11.01
C SER A 175 2.53 24.18 11.08
N GLY A 176 2.53 25.41 11.62
CA GLY A 176 3.78 26.19 11.80
C GLY A 176 4.20 26.86 10.52
N GLY A 177 5.39 27.45 10.53
CA GLY A 177 5.83 28.26 9.40
C GLY A 177 7.33 28.36 9.41
N GLY A 178 7.89 28.53 8.22
CA GLY A 178 9.33 28.51 8.07
C GLY A 178 9.94 27.36 8.85
N LYS A 179 10.96 27.68 9.64
CA LYS A 179 11.74 26.65 10.33
C LYS A 179 10.94 25.83 11.38
N SER A 180 9.74 26.25 11.72
CA SER A 180 8.85 25.45 12.56
C SER A 180 7.74 24.66 11.77
N ARG A 181 7.85 24.62 10.45
CA ARG A 181 6.82 23.99 9.63
C ARG A 181 6.95 22.47 9.79
N THR A 182 5.81 21.79 9.96
CA THR A 182 5.82 20.35 10.20
C THR A 182 6.67 19.58 9.16
N GLY A 183 7.59 18.79 9.67
CA GLY A 183 8.35 17.84 8.82
C GLY A 183 7.69 16.44 8.89
N VAL A 184 7.47 15.84 7.72
CA VAL A 184 6.86 14.50 7.65
C VAL A 184 7.87 13.53 7.08
N MET A 185 8.23 12.51 7.86
CA MET A 185 9.21 11.52 7.43
C MET A 185 8.56 10.37 6.64
N ILE A 186 9.12 10.06 5.46
CA ILE A 186 8.56 9.13 4.49
C ILE A 186 9.67 8.26 3.93
N PRO A 187 9.38 6.97 3.63
CA PRO A 187 10.45 6.10 3.09
C PRO A 187 10.75 6.30 1.60
N ILE A 188 12.00 5.96 1.27
CA ILE A 188 12.52 5.86 -0.10
C ILE A 188 13.10 4.48 -0.25
N PRO A 189 12.63 3.74 -1.23
CA PRO A 189 11.58 4.02 -2.23
C PRO A 189 10.19 4.37 -1.64
N GLN A 190 9.52 5.30 -2.30
CA GLN A 190 8.25 5.89 -1.83
C GLN A 190 7.05 5.11 -2.32
N TYR A 191 5.99 5.09 -1.52
CA TYR A 191 4.65 4.99 -2.02
C TYR A 191 4.27 6.45 -2.30
N PRO A 192 4.17 6.82 -3.59
CA PRO A 192 4.11 8.24 -3.97
C PRO A 192 2.91 9.04 -3.45
N LEU A 193 1.87 8.41 -2.91
CA LEU A 193 0.83 9.19 -2.26
C LEU A 193 1.40 10.21 -1.24
N TYR A 194 2.35 9.80 -0.42
CA TYR A 194 2.74 10.58 0.76
C TYR A 194 3.47 11.92 0.35
N SER A 195 4.41 11.83 -0.54
CA SER A 195 5.02 13.02 -1.16
C SER A 195 3.99 14.01 -1.70
N ALA A 196 3.06 13.48 -2.48
CA ALA A 196 2.01 14.28 -3.06
C ALA A 196 1.17 14.95 -1.99
N VAL A 197 0.73 14.22 -0.97
CA VAL A 197 -0.04 14.85 0.12
C VAL A 197 0.78 15.92 0.87
N ILE A 198 2.06 15.63 1.12
CA ILE A 198 2.93 16.56 1.78
C ILE A 198 2.98 17.92 1.03
N SER A 199 3.14 17.88 -0.30
CA SER A 199 3.04 19.08 -1.19
C SER A 199 1.74 19.85 -1.15
N GLU A 200 0.62 19.15 -1.28
CA GLU A 200 -0.66 19.76 -1.16
C GLU A 200 -0.80 20.49 0.14
N LEU A 201 -0.19 19.96 1.20
CA LEU A 201 -0.36 20.59 2.53
C LEU A 201 0.79 21.58 2.83
N ASP A 202 1.71 21.77 1.91
CA ASP A 202 2.86 22.64 2.11
CA ASP A 202 2.87 22.65 2.10
C ASP A 202 3.66 22.29 3.36
N ALA A 203 3.85 20.98 3.58
CA ALA A 203 4.63 20.51 4.70
C ALA A 203 6.00 20.21 4.15
N ILE A 204 6.93 19.88 5.03
CA ILE A 204 8.28 19.58 4.57
C ILE A 204 8.47 18.06 4.53
N GLN A 205 8.95 17.59 3.40
CA GLN A 205 9.26 16.20 3.21
C GLN A 205 10.63 15.83 3.78
N VAL A 206 10.70 14.82 4.65
CA VAL A 206 11.94 14.35 5.20
C VAL A 206 12.10 12.88 4.80
N ASN A 207 13.07 12.63 3.95
CA ASN A 207 13.34 11.34 3.40
C ASN A 207 14.09 10.45 4.38
N TYR A 208 13.70 9.18 4.50
CA TYR A 208 14.56 8.20 5.12
C TYR A 208 14.63 7.04 4.16
N TYR A 209 15.78 6.39 4.13
CA TYR A 209 16.08 5.39 3.13
C TYR A 209 15.91 4.08 3.76
N LEU A 210 15.05 3.25 3.17
CA LEU A 210 14.88 1.88 3.57
C LEU A 210 16.22 1.19 3.28
N ASP A 211 16.56 0.18 4.07
CA ASP A 211 17.91 -0.42 3.98
C ASP A 211 17.97 -1.56 3.03
N GLU A 212 18.39 -1.26 1.81
CA GLU A 212 18.35 -2.27 0.77
C GLU A 212 19.26 -3.47 1.04
N GLU A 213 20.34 -3.28 1.79
CA GLU A 213 21.28 -4.38 2.05
C GLU A 213 20.85 -5.29 3.21
N ASN A 214 19.78 -4.97 3.89
CA ASN A 214 19.19 -5.87 4.83
C ASN A 214 17.67 -5.94 4.60
N CYS A 215 17.25 -6.43 3.43
CA CYS A 215 15.85 -6.71 3.11
C CYS A 215 14.90 -5.53 3.29
N TRP A 216 15.42 -4.34 2.98
CA TRP A 216 14.66 -3.10 3.00
C TRP A 216 14.19 -2.74 4.42
N ALA A 217 15.01 -3.15 5.40
CA ALA A 217 14.68 -2.90 6.80
C ALA A 217 14.67 -1.42 7.10
N LEU A 218 13.87 -1.04 8.10
CA LEU A 218 13.94 0.28 8.65
C LEU A 218 15.14 0.24 9.58
N ASN A 219 15.99 1.22 9.47
CA ASN A 219 17.22 1.27 10.24
C ASN A 219 17.15 2.55 11.06
N VAL A 220 17.06 2.40 12.39
CA VAL A 220 16.88 3.53 13.29
C VAL A 220 18.05 4.52 13.34
N ASN A 221 19.25 4.04 13.07
CA ASN A 221 20.40 4.90 13.01
C ASN A 221 20.25 5.84 11.82
N GLU A 222 19.78 5.30 10.70
CA GLU A 222 19.31 6.07 9.52
C GLU A 222 18.17 7.03 9.78
N LEU A 223 17.09 6.57 10.42
CA LEU A 223 16.05 7.50 10.84
C LEU A 223 16.58 8.63 11.75
N ARG A 224 17.51 8.27 12.64
CA ARG A 224 18.07 9.31 13.54
C ARG A 224 18.87 10.34 12.71
N ARG A 225 19.69 9.91 11.74
CA ARG A 225 20.40 10.87 10.88
C ARG A 225 19.44 11.81 10.16
N ALA A 226 18.36 11.26 9.59
CA ALA A 226 17.37 12.03 8.81
C ALA A 226 16.65 13.03 9.68
N VAL A 227 16.28 12.62 10.88
CA VAL A 227 15.63 13.56 11.79
C VAL A 227 16.60 14.67 12.17
N GLN A 228 17.85 14.31 12.48
CA GLN A 228 18.83 15.30 12.98
C GLN A 228 19.12 16.28 11.85
N GLU A 229 19.35 15.80 10.64
CA GLU A 229 19.57 16.70 9.51
C GLU A 229 18.35 17.62 9.18
N ALA A 230 17.13 17.16 9.42
CA ALA A 230 15.96 17.96 9.05
C ALA A 230 15.69 19.08 10.05
N LYS A 231 16.17 18.93 11.27
CA LYS A 231 15.82 19.86 12.34
C LYS A 231 16.34 21.28 12.14
N ASP A 232 17.33 21.46 11.28
CA ASP A 232 17.78 22.80 10.82
C ASP A 232 16.61 23.58 10.23
N HIS A 233 15.85 22.93 9.37
CA HIS A 233 14.96 23.69 8.51
C HIS A 233 13.49 23.34 8.61
N CYS A 234 13.11 22.49 9.56
CA CYS A 234 11.71 22.22 9.84
C CYS A 234 11.64 21.68 11.23
N ASP A 235 10.43 21.34 11.65
CA ASP A 235 10.14 20.64 12.88
C ASP A 235 9.58 19.21 12.54
N PRO A 236 10.47 18.20 12.48
CA PRO A 236 10.10 16.79 12.22
C PRO A 236 9.12 16.29 13.28
N LYS A 237 7.89 16.02 12.89
CA LYS A 237 6.86 15.66 13.85
C LYS A 237 6.12 14.37 13.47
N VAL A 238 6.31 13.86 12.25
CA VAL A 238 5.48 12.71 11.79
C VAL A 238 6.39 11.70 11.11
N LEU A 239 6.16 10.43 11.41
CA LEU A 239 6.90 9.34 10.79
C LEU A 239 5.90 8.31 10.21
N CYS A 240 5.94 8.18 8.89
CA CYS A 240 5.19 7.24 8.13
C CYS A 240 5.99 5.99 7.83
N ILE A 241 5.39 4.86 8.24
CA ILE A 241 5.93 3.53 8.08
C ILE A 241 4.92 2.74 7.20
N ILE A 242 5.44 2.02 6.24
CA ILE A 242 4.62 1.20 5.36
C ILE A 242 5.05 -0.24 5.61
N ASN A 243 4.16 -1.03 6.24
CA ASN A 243 4.43 -2.41 6.50
C ASN A 243 3.17 -3.31 6.35
N PRO A 244 3.25 -4.32 5.43
CA PRO A 244 4.32 -4.63 4.47
C PRO A 244 4.50 -3.54 3.47
N GLY A 245 5.70 -3.49 2.89
CA GLY A 245 6.10 -2.39 2.07
C GLY A 245 5.60 -2.42 0.65
N ASN A 246 5.57 -1.22 0.08
CA ASN A 246 5.19 -0.99 -1.33
C ASN A 246 6.04 0.20 -1.82
N PRO A 247 6.88 0.02 -2.86
CA PRO A 247 6.99 -1.09 -3.77
C PRO A 247 8.00 -2.16 -3.40
N THR A 248 8.49 -2.19 -2.18
CA THR A 248 9.63 -2.97 -1.79
C THR A 248 9.27 -4.39 -1.27
N GLY A 249 8.02 -4.65 -0.92
CA GLY A 249 7.57 -6.03 -0.67
C GLY A 249 8.16 -6.72 0.55
N GLN A 250 8.59 -5.90 1.51
CA GLN A 250 9.21 -6.40 2.72
C GLN A 250 8.26 -6.37 3.90
N VAL A 251 8.60 -7.20 4.87
CA VAL A 251 7.84 -7.36 6.10
C VAL A 251 8.80 -7.17 7.25
N GLN A 252 8.52 -6.22 8.10
CA GLN A 252 9.45 -5.85 9.16
C GLN A 252 9.37 -6.84 10.30
N SER A 253 10.51 -7.04 10.94
CA SER A 253 10.57 -7.92 12.10
C SER A 253 9.99 -7.13 13.26
N ARG A 254 9.54 -7.88 14.25
CA ARG A 254 9.01 -7.35 15.48
C ARG A 254 9.94 -6.42 16.20
N LYS A 255 11.20 -6.83 16.27
CA LYS A 255 12.23 -6.08 16.99
C LYS A 255 12.41 -4.72 16.32
N CYS A 256 12.43 -4.71 15.02
CA CYS A 256 12.51 -3.52 14.27
C CYS A 256 11.30 -2.57 14.43
N ILE A 257 10.08 -3.11 14.43
CA ILE A 257 8.91 -2.34 14.75
C ILE A 257 9.06 -1.71 16.15
N GLU A 258 9.55 -2.51 17.08
CA GLU A 258 9.77 -2.08 18.43
C GLU A 258 10.82 -0.99 18.54
N ASP A 259 11.93 -1.12 17.81
CA ASP A 259 12.94 -0.06 17.81
C ASP A 259 12.41 1.23 17.18
N VAL A 260 11.59 1.12 16.15
CA VAL A 260 10.94 2.31 15.56
C VAL A 260 9.97 3.04 16.54
N ILE A 261 9.20 2.28 17.32
CA ILE A 261 8.28 2.85 18.31
C ILE A 261 9.07 3.58 19.38
N HIS A 262 10.14 2.97 19.83
CA HIS A 262 11.03 3.58 20.79
C HIS A 262 11.63 4.87 20.25
N PHE A 263 12.05 4.86 18.99
CA PHE A 263 12.58 6.05 18.36
C PHE A 263 11.49 7.16 18.30
N ALA A 264 10.28 6.75 17.89
CA ALA A 264 9.15 7.71 17.82
C ALA A 264 8.84 8.37 19.20
N TRP A 265 8.87 7.55 20.24
CA TRP A 265 8.66 8.01 21.61
C TRP A 265 9.74 9.00 22.03
N GLU A 266 10.97 8.59 21.84
CA GLU A 266 12.13 9.42 22.07
C GLU A 266 12.12 10.78 21.35
N GLU A 267 11.72 10.81 20.08
CA GLU A 267 11.74 12.04 19.30
C GLU A 267 10.39 12.77 19.26
N LYS A 268 9.40 12.25 19.94
CA LYS A 268 8.07 12.87 20.00
C LYS A 268 7.43 12.90 18.57
N LEU A 269 7.52 11.76 17.85
CA LEU A 269 6.97 11.63 16.50
C LEU A 269 5.64 10.90 16.54
N PHE A 270 4.69 11.49 15.84
CA PHE A 270 3.42 10.85 15.54
C PHE A 270 3.68 9.78 14.50
N LEU A 271 3.26 8.56 14.77
CA LEU A 271 3.45 7.41 13.83
C LEU A 271 2.20 7.19 12.98
N LEU A 272 2.40 7.07 11.66
CA LEU A 272 1.41 6.53 10.73
C LEU A 272 1.89 5.16 10.26
N ALA A 273 1.12 4.15 10.63
CA ALA A 273 1.34 2.78 10.31
C ALA A 273 0.41 2.38 9.18
N ASP A 274 0.97 2.36 7.99
CA ASP A 274 0.24 2.06 6.79
C ASP A 274 0.36 0.56 6.54
N GLU A 275 -0.69 -0.15 6.96
CA GLU A 275 -0.73 -1.57 7.02
C GLU A 275 -1.76 -2.22 6.11
N VAL A 276 -1.99 -1.61 4.96
CA VAL A 276 -3.02 -2.08 4.02
C VAL A 276 -2.72 -3.48 3.47
N TYR A 277 -1.45 -3.88 3.40
CA TYR A 277 -1.09 -5.21 2.93
C TYR A 277 -0.90 -6.24 4.01
N GLN A 278 -1.43 -6.00 5.19
CA GLN A 278 -1.27 -6.88 6.32
C GLN A 278 -1.70 -8.34 6.15
N ASP A 279 -2.63 -8.66 5.26
CA ASP A 279 -3.04 -10.08 5.08
C ASP A 279 -2.16 -10.81 4.09
N ASN A 280 -1.40 -10.06 3.29
CA ASN A 280 -0.51 -10.62 2.28
C ASN A 280 0.92 -10.74 2.73
N VAL A 281 1.16 -11.65 3.65
CA VAL A 281 2.50 -12.01 4.12
C VAL A 281 2.75 -13.47 3.71
N TYR A 282 3.88 -13.74 3.01
CA TYR A 282 4.17 -15.02 2.30
C TYR A 282 5.30 -15.76 2.91
N SER A 283 6.39 -15.07 3.21
CA SER A 283 7.57 -15.75 3.71
C SER A 283 7.28 -16.51 4.98
N PRO A 284 7.84 -17.74 5.08
CA PRO A 284 7.72 -18.54 6.30
C PRO A 284 8.60 -17.92 7.38
N ASP A 285 9.56 -17.15 6.94
CA ASP A 285 10.41 -16.37 7.83
C ASP A 285 9.84 -15.05 8.42
N CYS A 286 8.59 -14.73 8.08
CA CYS A 286 8.03 -13.43 8.42
C CYS A 286 6.62 -13.58 8.88
N ARG A 287 6.20 -12.65 9.74
CA ARG A 287 4.79 -12.47 10.01
C ARG A 287 4.47 -11.01 10.21
N PHE A 288 3.20 -10.71 10.04
CA PHE A 288 2.72 -9.37 10.25
C PHE A 288 2.59 -9.10 11.72
N HIS A 289 3.24 -8.05 12.19
CA HIS A 289 3.07 -7.58 13.54
C HIS A 289 2.58 -6.17 13.41
N SER A 290 1.42 -5.89 13.98
CA SER A 290 0.86 -4.57 13.89
C SER A 290 1.64 -3.64 14.83
N PHE A 291 1.74 -2.38 14.44
CA PHE A 291 2.24 -1.36 15.38
C PHE A 291 1.39 -1.29 16.64
N LYS A 292 0.07 -1.46 16.52
CA LYS A 292 -0.79 -1.52 17.68
C LYS A 292 -0.37 -2.60 18.71
N LYS A 293 -0.21 -3.84 18.26
CA LYS A 293 0.16 -4.93 19.19
C LYS A 293 1.52 -4.68 19.86
N VAL A 294 2.50 -4.32 19.05
CA VAL A 294 3.84 -4.07 19.57
C VAL A 294 3.84 -2.88 20.54
N LEU A 295 3.16 -1.78 20.20
CA LEU A 295 3.11 -0.63 21.12
C LEU A 295 2.62 -1.10 22.46
N TYR A 296 1.50 -1.82 22.49
CA TYR A 296 0.88 -2.27 23.74
C TYR A 296 1.71 -3.27 24.53
N GLU A 297 2.37 -4.18 23.85
CA GLU A 297 3.32 -5.08 24.46
C GLU A 297 4.52 -4.46 25.07
N MET A 298 4.89 -3.25 24.63
CA MET A 298 6.02 -2.51 25.21
C MET A 298 5.67 -1.91 26.56
N GLY A 299 4.38 -1.87 26.89
CA GLY A 299 3.94 -1.43 28.17
C GLY A 299 3.49 0.00 28.12
N PRO A 300 2.80 0.43 29.20
CA PRO A 300 2.15 1.75 29.36
C PRO A 300 3.00 2.98 29.23
N GLU A 301 4.23 2.92 29.66
CA GLU A 301 5.19 3.99 29.41
C GLU A 301 5.25 4.40 27.92
N TYR A 302 5.10 3.43 27.03
CA TYR A 302 4.96 3.68 25.64
C TYR A 302 3.50 3.75 25.24
N SER A 303 2.69 2.79 25.64
CA SER A 303 1.32 2.67 25.10
C SER A 303 0.32 3.77 25.56
N SER A 304 0.67 4.52 26.61
CA SER A 304 -0.11 5.68 27.05
C SER A 304 0.30 6.98 26.39
N ASN A 305 1.42 6.98 25.69
CA ASN A 305 2.08 8.17 25.24
C ASN A 305 2.28 8.31 23.74
N VAL A 306 2.66 7.22 23.08
CA VAL A 306 2.96 7.29 21.66
C VAL A 306 1.64 7.49 20.87
N GLU A 307 1.63 8.49 20.01
CA GLU A 307 0.52 8.72 19.07
C GLU A 307 0.68 7.86 17.83
N LEU A 308 -0.36 7.09 17.55
CA LEU A 308 -0.37 6.11 16.46
C LEU A 308 -1.69 6.17 15.70
N ALA A 309 -1.61 6.24 14.37
CA ALA A 309 -2.73 6.02 13.45
C ALA A 309 -2.35 4.86 12.55
N SER A 310 -3.13 3.80 12.60
CA SER A 310 -2.96 2.57 11.76
C SER A 310 -4.11 2.49 10.74
N PHE A 311 -3.77 2.16 9.50
CA PHE A 311 -4.68 2.20 8.37
C PHE A 311 -4.89 0.81 7.80
N HIS A 312 -6.10 0.63 7.30
CA HIS A 312 -6.50 -0.55 6.61
C HIS A 312 -7.51 -0.17 5.54
N SER A 313 -7.56 -0.98 4.50
CA SER A 313 -8.30 -0.70 3.28
C SER A 313 -9.07 -1.97 2.87
N THR A 314 -10.03 -1.85 1.97
CA THR A 314 -10.74 -2.97 1.39
C THR A 314 -10.19 -3.32 0.04
N SER A 315 -9.24 -2.54 -0.48
CA SER A 315 -8.79 -2.67 -1.85
C SER A 315 -7.56 -3.54 -2.04
N LYS A 316 -6.86 -3.86 -0.97
CA LYS A 316 -5.55 -4.50 -1.09
C LYS A 316 -5.61 -5.92 -0.58
N GLY A 317 -4.73 -6.75 -1.11
CA GLY A 317 -4.62 -8.13 -0.65
C GLY A 317 -5.60 -9.12 -1.26
N TYR A 318 -5.50 -10.37 -0.84
CA TYR A 318 -6.35 -11.44 -1.36
C TYR A 318 -7.80 -11.32 -0.84
N MET A 319 -8.01 -10.58 0.26
CA MET A 319 -9.37 -10.20 0.71
C MET A 319 -9.89 -8.94 0.00
N GLY A 320 -9.07 -8.34 -0.87
CA GLY A 320 -9.45 -7.15 -1.62
C GLY A 320 -10.71 -7.27 -2.47
N GLU A 321 -11.61 -6.30 -2.31
CA GLU A 321 -12.81 -6.16 -3.13
C GLU A 321 -12.63 -4.87 -3.91
N CYS A 322 -13.29 -4.79 -5.07
CA CYS A 322 -13.33 -3.56 -5.88
CA CYS A 322 -13.34 -3.51 -5.77
C CYS A 322 -14.78 -3.08 -6.04
N GLY A 323 -14.93 -1.86 -6.55
CA GLY A 323 -16.25 -1.23 -6.70
C GLY A 323 -16.60 -0.49 -5.42
N TYR A 324 -16.62 -1.22 -4.31
CA TYR A 324 -16.97 -0.67 -3.00
C TYR A 324 -15.70 -0.37 -2.16
N ARG A 325 -15.43 0.93 -1.98
CA ARG A 325 -14.16 1.44 -1.45
C ARG A 325 -14.29 1.88 0.00
N GLY A 326 -13.65 1.12 0.88
CA GLY A 326 -13.76 1.35 2.30
C GLY A 326 -12.41 1.32 2.99
N GLY A 327 -12.40 1.64 4.24
CA GLY A 327 -11.15 1.71 4.94
C GLY A 327 -11.48 2.09 6.33
N TYR A 328 -10.50 1.97 7.18
CA TYR A 328 -10.57 2.54 8.47
C TYR A 328 -9.18 3.01 8.92
N MET A 329 -9.20 3.83 9.95
CA MET A 329 -8.02 4.05 10.74
C MET A 329 -8.33 3.86 12.22
N GLU A 330 -7.38 3.27 12.94
CA GLU A 330 -7.41 3.21 14.35
C GLU A 330 -6.41 4.24 14.85
N VAL A 331 -6.89 5.18 15.66
CA VAL A 331 -6.07 6.25 16.18
C VAL A 331 -6.00 6.12 17.71
N ILE A 332 -4.80 6.14 18.25
CA ILE A 332 -4.64 5.98 19.67
C ILE A 332 -3.76 7.12 20.23
N ASN A 333 -4.12 7.63 21.42
CA ASN A 333 -3.36 8.63 22.14
C ASN A 333 -3.32 9.98 21.51
N LEU A 334 -4.35 10.27 20.74
CA LEU A 334 -4.48 11.52 19.98
C LEU A 334 -4.43 12.69 20.95
N HIS A 335 -3.51 13.62 20.74
CA HIS A 335 -3.43 14.75 21.59
C HIS A 335 -4.74 15.51 21.44
N PRO A 336 -5.27 16.03 22.57
CA PRO A 336 -6.55 16.76 22.49
C PRO A 336 -6.59 17.87 21.43
N GLU A 337 -5.51 18.63 21.24
CA GLU A 337 -5.50 19.66 20.16
C GLU A 337 -5.76 19.10 18.77
N ILE A 338 -5.23 17.91 18.54
CA ILE A 338 -5.44 17.20 17.26
C ILE A 338 -6.84 16.65 17.13
N LYS A 339 -7.33 15.99 18.17
CA LYS A 339 -8.69 15.50 18.20
C LYS A 339 -9.74 16.60 17.93
N GLY A 340 -9.54 17.79 18.45
CA GLY A 340 -10.46 18.90 18.21
C GLY A 340 -10.62 19.17 16.72
N GLN A 341 -9.51 19.27 16.00
CA GLN A 341 -9.53 19.42 14.57
C GLN A 341 -10.21 18.25 13.85
N LEU A 342 -10.03 17.03 14.35
CA LEU A 342 -10.68 15.84 13.75
C LEU A 342 -12.20 15.91 13.91
N VAL A 343 -12.67 16.21 15.11
CA VAL A 343 -14.10 16.36 15.37
C VAL A 343 -14.73 17.37 14.40
N LYS A 344 -14.09 18.52 14.22
CA LYS A 344 -14.61 19.53 13.32
C LYS A 344 -14.61 19.02 11.88
N LEU A 345 -13.47 18.53 11.43
CA LEU A 345 -13.32 18.04 10.06
C LEU A 345 -14.39 17.01 9.72
N LEU A 346 -14.73 16.14 10.66
CA LEU A 346 -15.77 15.13 10.45
C LEU A 346 -17.22 15.66 10.54
N SER A 347 -17.44 16.71 11.33
CA SER A 347 -18.74 17.39 11.37
C SER A 347 -19.15 18.00 10.01
N VAL A 348 -18.19 18.46 9.22
CA VAL A 348 -18.46 19.11 7.91
C VAL A 348 -18.28 18.24 6.63
N ARG A 349 -17.78 17.02 6.76
CA ARG A 349 -17.79 16.03 5.67
C ARG A 349 -18.97 15.06 5.72
N LEU A 350 -19.40 14.57 4.58
CA LEU A 350 -20.35 13.47 4.64
C LEU A 350 -19.60 12.22 5.07
N CYS A 351 -20.27 11.40 5.88
CA CYS A 351 -19.87 10.02 6.05
C CYS A 351 -19.38 9.39 4.74
N PRO A 352 -18.43 8.42 4.85
CA PRO A 352 -18.06 7.58 3.72
C PRO A 352 -19.27 6.80 3.23
N PRO A 353 -19.37 6.57 1.91
CA PRO A 353 -20.53 5.82 1.41
C PRO A 353 -20.71 4.54 2.23
N VAL A 354 -21.93 4.17 2.55
CA VAL A 354 -22.17 2.97 3.41
C VAL A 354 -21.82 1.67 2.73
N SER A 355 -21.73 1.63 1.42
CA SER A 355 -21.30 0.43 0.73
C SER A 355 -19.83 0.12 0.86
N GLY A 356 -19.03 1.18 0.97
CA GLY A 356 -17.65 1.02 1.35
C GLY A 356 -17.53 0.49 2.76
N GLN A 357 -18.31 1.11 3.66
CA GLN A 357 -18.37 0.70 5.05
C GLN A 357 -18.79 -0.76 5.21
N ALA A 358 -19.77 -1.18 4.39
CA ALA A 358 -20.31 -2.51 4.40
C ALA A 358 -19.23 -3.44 3.93
N ALA A 359 -18.60 -3.08 2.81
CA ALA A 359 -17.40 -3.82 2.33
C ALA A 359 -16.34 -4.02 3.42
N MET A 360 -15.98 -2.96 4.15
CA MET A 360 -15.04 -3.10 5.26
C MET A 360 -15.57 -4.08 6.33
N ASP A 361 -16.85 -3.99 6.65
CA ASP A 361 -17.47 -4.91 7.59
C ASP A 361 -17.31 -6.36 7.19
N ILE A 362 -17.40 -6.65 5.90
CA ILE A 362 -17.28 -8.00 5.45
C ILE A 362 -15.83 -8.48 5.69
N VAL A 363 -14.85 -7.64 5.37
CA VAL A 363 -13.47 -8.07 5.49
C VAL A 363 -13.01 -8.24 6.95
N VAL A 364 -13.63 -7.51 7.91
CA VAL A 364 -13.27 -7.66 9.34
C VAL A 364 -14.14 -8.67 10.10
N ASN A 365 -15.02 -9.37 9.39
CA ASN A 365 -15.88 -10.42 9.94
C ASN A 365 -15.79 -11.73 9.17
N PRO A 366 -14.58 -12.25 8.99
CA PRO A 366 -14.44 -13.54 8.37
C PRO A 366 -15.00 -14.64 9.30
N PRO A 367 -15.19 -15.84 8.75
CA PRO A 367 -15.72 -16.87 9.66
C PRO A 367 -14.66 -17.34 10.67
N VAL A 368 -15.10 -17.60 11.91
CA VAL A 368 -14.24 -18.03 13.04
C VAL A 368 -14.55 -19.49 13.33
N ALA A 369 -13.73 -20.10 14.18
CA ALA A 369 -13.81 -21.51 14.59
C ALA A 369 -15.21 -21.90 15.03
N GLY A 370 -15.70 -23.00 14.46
CA GLY A 370 -17.01 -23.55 14.81
C GLY A 370 -18.18 -23.03 13.99
N GLU A 371 -17.88 -22.17 12.99
CA GLU A 371 -18.87 -21.63 12.10
C GLU A 371 -18.87 -22.44 10.81
N GLU A 372 -20.03 -22.43 10.19
CA GLU A 372 -20.32 -23.23 9.02
C GLU A 372 -19.19 -23.13 7.97
N SER A 373 -18.75 -21.90 7.61
CA SER A 373 -17.80 -21.71 6.46
C SER A 373 -16.28 -21.64 6.84
N PHE A 374 -15.99 -21.69 8.14
CA PHE A 374 -14.62 -21.55 8.66
C PHE A 374 -13.63 -22.42 7.93
N GLU A 375 -13.92 -23.70 7.80
CA GLU A 375 -12.93 -24.63 7.21
C GLU A 375 -12.63 -24.39 5.74
N GLN A 376 -13.65 -24.11 4.92
CA GLN A 376 -13.41 -23.77 3.49
C GLN A 376 -12.72 -22.37 3.31
N PHE A 377 -13.20 -21.38 4.06
CA PHE A 377 -12.54 -20.09 4.11
C PHE A 377 -11.01 -20.28 4.39
N SER A 378 -10.69 -20.97 5.50
CA SER A 378 -9.32 -21.32 5.89
C SER A 378 -8.55 -22.02 4.79
N ARG A 379 -9.16 -22.98 4.10
CA ARG A 379 -8.49 -23.62 2.94
C ARG A 379 -8.31 -22.69 1.75
N GLU A 380 -9.29 -21.85 1.46
CA GLU A 380 -9.15 -20.90 0.31
C GLU A 380 -7.99 -19.88 0.51
N LYS A 381 -7.88 -19.36 1.74
CA LYS A 381 -6.87 -18.37 2.10
C LYS A 381 -5.52 -18.95 1.94
N GLU A 382 -5.33 -20.09 2.59
CA GLU A 382 -4.03 -20.79 2.54
C GLU A 382 -3.59 -21.11 1.13
N SER A 383 -4.52 -21.50 0.28
CA SER A 383 -4.22 -21.76 -1.11
C SER A 383 -3.82 -20.51 -1.89
N VAL A 384 -4.58 -19.44 -1.71
CA VAL A 384 -4.20 -18.16 -2.34
C VAL A 384 -2.83 -17.70 -1.84
N LEU A 385 -2.61 -17.73 -0.54
CA LEU A 385 -1.30 -17.30 0.01
C LEU A 385 -0.16 -18.21 -0.41
N GLY A 386 -0.41 -19.51 -0.54
CA GLY A 386 0.59 -20.46 -1.08
C GLY A 386 0.92 -20.19 -2.55
N ASN A 387 -0.07 -19.84 -3.35
CA ASN A 387 0.19 -19.47 -4.73
C ASN A 387 1.02 -18.17 -4.83
N LEU A 388 0.70 -17.16 -4.03
CA LEU A 388 1.55 -15.92 -4.02
C LEU A 388 2.96 -16.21 -3.55
N ALA A 389 3.09 -16.96 -2.45
CA ALA A 389 4.40 -17.36 -1.95
C ALA A 389 5.22 -18.03 -3.05
N LYS A 390 4.54 -18.88 -3.83
CA LYS A 390 5.17 -19.60 -4.92
C LYS A 390 5.66 -18.65 -5.99
N LYS A 391 4.79 -17.74 -6.44
CA LYS A 391 5.19 -16.66 -7.39
C LYS A 391 6.30 -15.74 -6.85
N ALA A 392 6.27 -15.44 -5.55
CA ALA A 392 7.33 -14.64 -4.89
C ALA A 392 8.69 -15.30 -5.02
N LYS A 393 8.75 -16.57 -4.63
CA LYS A 393 10.03 -17.32 -4.63
C LYS A 393 10.56 -17.43 -6.06
N LEU A 394 9.64 -17.74 -6.96
CA LEU A 394 9.89 -17.84 -8.39
C LEU A 394 10.55 -16.58 -8.99
N THR A 395 9.94 -15.42 -8.69
CA THR A 395 10.40 -14.13 -9.18
C THR A 395 11.80 -13.79 -8.71
N GLU A 396 12.00 -13.93 -7.42
CA GLU A 396 13.26 -13.59 -6.75
C GLU A 396 14.40 -14.54 -7.15
N ASP A 397 14.08 -15.83 -7.25
CA ASP A 397 14.96 -16.86 -7.82
C ASP A 397 15.46 -16.49 -9.20
N LEU A 398 14.53 -16.25 -10.13
CA LEU A 398 14.94 -15.88 -11.49
C LEU A 398 15.83 -14.66 -11.54
N PHE A 399 15.49 -13.61 -10.80
CA PHE A 399 16.30 -12.37 -10.85
C PHE A 399 17.71 -12.59 -10.29
N ASN A 400 17.76 -13.44 -9.27
CA ASN A 400 19.02 -13.67 -8.56
C ASN A 400 19.98 -14.67 -9.30
N GLN A 401 19.45 -15.40 -10.26
CA GLN A 401 20.27 -16.14 -11.21
C GLN A 401 20.48 -15.40 -12.54
N VAL A 402 20.27 -14.08 -12.60
CA VAL A 402 20.57 -13.32 -13.80
C VAL A 402 21.56 -12.26 -13.37
N PRO A 403 22.74 -12.24 -13.98
CA PRO A 403 23.74 -11.23 -13.62
C PRO A 403 23.31 -9.81 -13.91
N GLY A 404 23.72 -8.90 -13.04
CA GLY A 404 23.33 -7.49 -13.12
C GLY A 404 21.94 -7.13 -12.61
N ILE A 405 21.21 -8.11 -12.13
CA ILE A 405 19.93 -7.90 -11.45
C ILE A 405 20.03 -8.54 -10.09
N HIS A 406 19.66 -7.82 -9.03
CA HIS A 406 19.49 -8.48 -7.73
C HIS A 406 18.15 -8.09 -7.10
N CYS A 407 17.43 -9.07 -6.55
CA CYS A 407 16.13 -8.90 -5.92
C CYS A 407 16.16 -9.35 -4.44
N ASN A 408 15.79 -8.43 -3.54
CA ASN A 408 15.55 -8.78 -2.14
C ASN A 408 14.40 -9.78 -2.03
N PRO A 409 14.32 -10.54 -0.95
CA PRO A 409 13.16 -11.41 -0.89
C PRO A 409 11.82 -10.66 -0.87
N LEU A 410 10.86 -11.25 -1.53
CA LEU A 410 9.52 -10.74 -1.60
C LEU A 410 8.67 -11.40 -0.48
N GLN A 411 8.41 -10.66 0.57
CA GLN A 411 7.92 -11.24 1.81
C GLN A 411 6.43 -10.99 1.95
N GLY A 412 5.97 -9.89 1.35
CA GLY A 412 4.55 -9.54 1.36
C GLY A 412 4.19 -8.50 0.32
N ALA A 413 2.89 -8.16 0.29
CA ALA A 413 2.31 -7.18 -0.63
C ALA A 413 2.51 -7.79 -2.01
N MET A 414 2.45 -7.04 -3.11
CA MET A 414 2.32 -7.64 -4.43
C MET A 414 3.45 -7.33 -5.41
N TYR A 415 4.42 -6.54 -4.93
CA TYR A 415 5.49 -5.94 -5.74
C TYR A 415 6.85 -6.38 -5.28
N ALA A 416 7.74 -6.62 -6.24
CA ALA A 416 9.19 -6.54 -6.05
C ALA A 416 9.80 -5.32 -6.74
N PHE A 417 10.93 -4.93 -6.17
CA PHE A 417 11.70 -3.78 -6.56
C PHE A 417 13.18 -4.23 -6.81
N PRO A 418 13.42 -5.05 -7.84
CA PRO A 418 14.79 -5.48 -8.18
C PRO A 418 15.71 -4.33 -8.54
N ARG A 419 16.95 -4.44 -8.04
CA ARG A 419 18.02 -3.53 -8.38
C ARG A 419 18.68 -3.95 -9.67
N ILE A 420 18.82 -3.03 -10.59
CA ILE A 420 19.53 -3.27 -11.88
C ILE A 420 20.91 -2.65 -11.82
N PHE A 421 21.91 -3.41 -12.20
CA PHE A 421 23.29 -2.86 -12.19
C PHE A 421 23.56 -2.40 -13.63
N ILE A 422 23.40 -1.10 -13.85
CA ILE A 422 23.45 -0.52 -15.18
C ILE A 422 24.89 -0.05 -15.33
N PRO A 423 25.60 -0.54 -16.35
CA PRO A 423 27.01 -0.09 -16.59
C PRO A 423 27.16 1.44 -16.75
N ALA A 424 28.29 2.00 -16.32
CA ALA A 424 28.54 3.45 -16.46
C ALA A 424 28.32 4.00 -17.89
N LYS A 425 28.30 3.08 -18.88
CA LYS A 425 28.05 3.30 -20.29
C LYS A 425 26.59 3.27 -20.73
N ALA A 426 25.80 2.27 -20.29
CA ALA A 426 24.35 2.32 -20.50
C ALA A 426 23.79 3.53 -19.78
N VAL A 427 24.44 3.99 -18.72
CA VAL A 427 24.09 5.21 -17.98
C VAL A 427 24.33 6.45 -18.92
N GLU A 428 25.48 6.40 -19.60
CA GLU A 428 25.85 7.39 -20.61
C GLU A 428 24.89 7.41 -21.77
N ALA A 429 24.54 6.24 -22.29
CA ALA A 429 23.50 6.17 -23.30
C ALA A 429 22.19 6.90 -22.81
N ALA A 430 21.79 6.65 -21.56
CA ALA A 430 20.53 7.14 -20.99
C ALA A 430 20.54 8.63 -20.90
N GLN A 431 21.66 9.12 -20.37
CA GLN A 431 22.00 10.55 -20.31
C GLN A 431 21.92 11.27 -21.64
N ALA A 432 22.44 10.62 -22.67
CA ALA A 432 22.44 11.20 -24.02
C ALA A 432 21.01 11.40 -24.43
N HIS A 433 20.14 10.45 -24.07
CA HIS A 433 18.69 10.57 -24.34
C HIS A 433 17.89 11.45 -23.40
N GLN A 434 18.59 12.19 -22.52
CA GLN A 434 17.99 13.07 -21.51
C GLN A 434 17.10 12.28 -20.51
N MET A 435 17.44 11.03 -20.25
CA MET A 435 16.63 10.17 -19.37
C MET A 435 17.45 9.62 -18.19
N ALA A 436 16.84 9.48 -17.02
CA ALA A 436 17.39 8.65 -15.94
C ALA A 436 17.70 7.29 -16.48
N PRO A 437 18.80 6.68 -16.01
CA PRO A 437 19.17 5.34 -16.41
C PRO A 437 18.10 4.23 -16.37
N ASP A 438 17.32 4.13 -15.29
CA ASP A 438 16.27 3.11 -15.24
C ASP A 438 15.06 3.48 -16.07
N MET A 439 14.77 4.75 -16.30
CA MET A 439 13.77 5.17 -17.29
C MET A 439 14.18 4.63 -18.68
N PHE A 440 15.43 4.92 -19.08
CA PHE A 440 15.93 4.42 -20.38
C PHE A 440 15.80 2.94 -20.45
N TYR A 441 16.28 2.23 -19.43
CA TYR A 441 16.17 0.73 -19.42
C TYR A 441 14.74 0.22 -19.58
N CYS A 442 13.84 0.86 -18.86
CA CYS A 442 12.39 0.45 -18.89
C CYS A 442 11.71 0.79 -20.20
N MET A 443 12.07 1.94 -20.80
CA MET A 443 11.66 2.26 -22.19
C MET A 443 12.08 1.23 -23.20
N LYS A 444 13.34 0.83 -23.14
CA LYS A 444 13.85 -0.19 -24.04
C LYS A 444 13.19 -1.52 -23.80
N LEU A 445 13.03 -1.91 -22.55
CA LEU A 445 12.27 -3.13 -22.28
C LEU A 445 10.89 -3.13 -22.90
N LEU A 446 10.20 -2.00 -22.83
CA LEU A 446 8.83 -1.89 -23.41
C LEU A 446 8.89 -2.05 -24.95
N GLU A 447 9.83 -1.34 -25.55
CA GLU A 447 10.01 -1.28 -27.01
C GLU A 447 10.31 -2.62 -27.58
N GLU A 448 11.02 -3.46 -26.83
CA GLU A 448 11.40 -4.80 -27.31
C GLU A 448 10.52 -5.95 -26.95
N THR A 449 9.91 -5.91 -25.77
CA THR A 449 9.16 -7.07 -25.25
C THR A 449 7.69 -6.77 -25.10
N GLY A 450 7.37 -5.48 -25.05
CA GLY A 450 6.01 -5.03 -24.74
C GLY A 450 5.72 -5.00 -23.27
N ILE A 451 6.71 -5.34 -22.41
CA ILE A 451 6.51 -5.32 -20.99
C ILE A 451 6.73 -3.92 -20.44
N CYS A 452 5.70 -3.45 -19.76
CA CYS A 452 5.59 -2.08 -19.29
C CYS A 452 5.68 -2.05 -17.76
N VAL A 453 6.82 -1.65 -17.23
CA VAL A 453 7.05 -1.65 -15.78
C VAL A 453 7.38 -0.26 -15.44
N VAL A 454 7.31 0.05 -14.15
CA VAL A 454 7.60 1.38 -13.66
C VAL A 454 9.07 1.50 -13.16
N PRO A 455 9.84 2.48 -13.67
CA PRO A 455 11.23 2.64 -13.23
C PRO A 455 11.40 3.15 -11.83
N GLY A 456 12.51 2.81 -11.21
CA GLY A 456 12.74 3.16 -9.84
C GLY A 456 12.66 4.61 -9.60
N SER A 457 13.02 5.38 -10.62
CA SER A 457 12.97 6.84 -10.48
C SER A 457 11.55 7.40 -10.30
N GLY A 458 10.52 6.60 -10.57
CA GLY A 458 9.14 6.94 -10.21
C GLY A 458 8.84 6.87 -8.72
N PHE A 459 9.67 6.14 -7.98
CA PHE A 459 9.53 6.01 -6.51
C PHE A 459 10.62 6.65 -5.64
N GLY A 460 11.73 7.03 -6.25
CA GLY A 460 12.89 7.39 -5.46
C GLY A 460 13.73 6.14 -5.11
N GLN A 461 15.02 6.37 -4.90
CA GLN A 461 16.00 5.32 -4.63
C GLN A 461 17.30 6.02 -4.23
N ARG A 462 18.18 5.29 -3.58
CA ARG A 462 19.53 5.83 -3.25
C ARG A 462 20.22 6.31 -4.53
N GLU A 463 20.77 7.51 -4.53
CA GLU A 463 21.60 8.03 -5.63
C GLU A 463 22.55 6.97 -6.11
N GLY A 464 22.68 6.79 -7.40
CA GLY A 464 23.61 5.82 -7.93
C GLY A 464 23.05 4.43 -8.00
N THR A 465 21.80 4.24 -7.55
CA THR A 465 21.14 2.92 -7.67
C THR A 465 19.94 3.04 -8.64
N TYR A 466 19.60 1.93 -9.27
CA TYR A 466 18.61 1.83 -10.29
C TYR A 466 17.80 0.59 -10.03
N HIS A 467 16.47 0.70 -10.19
CA HIS A 467 15.52 -0.39 -10.00
C HIS A 467 14.39 -0.30 -10.96
N PHE A 468 13.54 -1.32 -10.94
CA PHE A 468 12.19 -1.16 -11.46
C PHE A 468 11.22 -1.97 -10.58
N ARG A 469 9.95 -1.61 -10.65
CA ARG A 469 8.90 -2.32 -9.91
C ARG A 469 8.30 -3.42 -10.76
N MET A 470 8.25 -4.60 -10.18
CA MET A 470 7.69 -5.78 -10.78
C MET A 470 6.43 -6.16 -9.94
N THR A 471 5.37 -6.66 -10.56
CA THR A 471 4.26 -7.25 -9.83
C THR A 471 4.27 -8.78 -9.90
N ILE A 472 3.83 -9.44 -8.83
CA ILE A 472 3.53 -10.91 -8.91
C ILE A 472 2.04 -11.22 -9.16
N LEU A 473 1.27 -10.22 -9.51
CA LEU A 473 -0.17 -10.41 -9.78
C LEU A 473 -0.47 -11.48 -10.85
N PRO A 474 0.26 -11.47 -11.99
CA PRO A 474 -0.05 -12.44 -13.04
C PRO A 474 -0.03 -13.88 -12.55
N PRO A 475 -0.85 -14.77 -13.16
CA PRO A 475 -0.73 -16.21 -12.85
C PRO A 475 0.64 -16.79 -13.22
N VAL A 476 0.93 -17.95 -12.65
CA VAL A 476 2.32 -18.46 -12.57
C VAL A 476 2.98 -18.69 -13.91
N GLU A 477 2.23 -19.28 -14.84
CA GLU A 477 2.72 -19.56 -16.21
C GLU A 477 2.97 -18.27 -17.00
N LYS A 478 2.03 -17.34 -16.93
CA LYS A 478 2.24 -16.02 -17.53
C LYS A 478 3.41 -15.29 -16.84
N LEU A 479 3.47 -15.35 -15.52
CA LEU A 479 4.55 -14.68 -14.77
C LEU A 479 5.87 -15.27 -15.21
N LYS A 480 5.92 -16.59 -15.34
CA LYS A 480 7.12 -17.25 -15.86
C LYS A 480 7.54 -16.71 -17.23
N THR A 481 6.55 -16.50 -18.11
CA THR A 481 6.81 -15.95 -19.46
C THR A 481 7.34 -14.51 -19.43
N VAL A 482 6.74 -13.64 -18.61
CA VAL A 482 7.26 -12.26 -18.38
C VAL A 482 8.68 -12.26 -17.88
N LEU A 483 8.97 -13.11 -16.91
CA LEU A 483 10.34 -13.18 -16.36
C LEU A 483 11.37 -13.71 -17.35
N GLN A 484 10.97 -14.65 -18.22
CA GLN A 484 11.84 -15.04 -19.33
C GLN A 484 12.15 -13.85 -20.24
N LYS A 485 11.10 -13.16 -20.66
CA LYS A 485 11.28 -11.96 -21.50
C LYS A 485 12.18 -10.91 -20.86
N VAL A 486 11.96 -10.66 -19.58
CA VAL A 486 12.76 -9.67 -18.86
C VAL A 486 14.22 -10.14 -18.77
N LYS A 487 14.40 -11.44 -18.56
CA LYS A 487 15.77 -12.01 -18.58
C LYS A 487 16.48 -11.86 -19.92
N ASP A 488 15.81 -12.23 -21.02
CA ASP A 488 16.46 -12.08 -22.34
C ASP A 488 16.79 -10.64 -22.68
N PHE A 489 15.81 -9.76 -22.41
CA PHE A 489 16.01 -8.36 -22.65
C PHE A 489 17.20 -7.87 -21.87
N HIS A 490 17.31 -8.34 -20.64
CA HIS A 490 18.33 -7.78 -19.74
C HIS A 490 19.77 -8.10 -20.24
N ILE A 491 19.98 -9.35 -20.59
CA ILE A 491 21.28 -9.83 -21.19
C ILE A 491 21.69 -9.08 -22.45
N ASN A 492 20.73 -8.97 -23.39
CA ASN A 492 20.91 -8.12 -24.59
C ASN A 492 21.15 -6.68 -24.35
N PHE A 493 20.44 -6.14 -23.37
CA PHE A 493 20.69 -4.76 -23.00
C PHE A 493 22.16 -4.50 -22.65
N LEU A 494 22.72 -5.38 -21.84
CA LEU A 494 24.09 -5.20 -21.35
C LEU A 494 25.11 -5.32 -22.51
N GLU A 495 24.91 -6.35 -23.35
CA GLU A 495 25.65 -6.49 -24.62
C GLU A 495 25.61 -5.15 -25.42
N LYS A 496 24.43 -4.56 -25.55
CA LYS A 496 24.24 -3.39 -26.43
C LYS A 496 24.87 -2.07 -25.95
N TYR A 497 24.69 -1.69 -24.68
CA TYR A 497 25.18 -0.36 -24.23
C TYR A 497 26.43 -0.45 -23.32
N1 PLP B . -0.87 2.74 1.26
C2 PLP B . -0.32 1.83 0.42
C2A PLP B . 1.01 1.32 0.75
C3 PLP B . -1.01 1.44 -0.71
O3 PLP B . -0.47 0.49 -1.54
C4 PLP B . -2.28 1.98 -0.96
C4A PLP B . -2.99 1.59 -2.24
C5 PLP B . -2.84 2.90 -0.12
C6 PLP B . -2.11 3.24 0.99
C5A PLP B . -4.24 3.50 -0.28
O4P PLP B . -5.30 2.55 -0.07
P PLP B . -6.85 2.78 -0.59
O1P PLP B . -7.03 4.28 -0.49
O2P PLP B . -7.60 2.03 0.44
O3P PLP B . -6.77 2.29 -1.98
P PO4 C . -0.64 -0.01 -9.88
O1 PO4 C . -0.94 0.67 -8.58
O2 PO4 C . -0.36 -1.47 -9.52
O3 PO4 C . -1.74 -0.02 -10.86
O4 PO4 C . 0.42 0.81 -10.51
P PO4 D . 3.93 -12.85 17.86
O1 PO4 D . 5.30 -12.25 17.63
O2 PO4 D . 4.11 -14.10 18.68
O3 PO4 D . 3.05 -11.87 18.63
O4 PO4 D . 3.21 -13.29 16.61
#